data_8EQL
#
_entry.id   8EQL
#
_cell.length_a   43.033
_cell.length_b   60.576
_cell.length_c   44.605
_cell.angle_alpha   90.000
_cell.angle_beta   116.710
_cell.angle_gamma   90.000
#
_symmetry.space_group_name_H-M   'P 1 21 1'
#
loop_
_entity.id
_entity.type
_entity.pdbx_description
1 polymer "DNA (5'-D(*AP*AP*TP*AP*AP*CP*CP*GP*GP*AP*AP*GP*TP*GP*GP*G)-3')"
2 polymer "DNA (5'-D(*TP*CP*CP*CP*AP*CP*TP*TP*CP*CP*GP*GP*TP*TP*AP*T)-3')"
3 polymer 'Transcription factor PU.1'
4 non-polymer 'SODIUM ION'
5 water water
#
loop_
_entity_poly.entity_id
_entity_poly.type
_entity_poly.pdbx_seq_one_letter_code
_entity_poly.pdbx_strand_id
1 'polydeoxyribonucleotide' (DA)(DA)(DT)(DA)(DA)(DC)(DC)(DG)(DG)(DA)(DA)(DG)(DT)(DG)(DG)(DG) C
2 'polydeoxyribonucleotide' (DT)(DC)(DC)(DC)(DA)(DC)(DT)(DT)(DC)(DC)(DG)(DG)(DT)(DT)(DA)(DT) D
3 'polypeptide(L)'
;GSKKKIRLYQFLLDLLRSGDMKDSIWWVDKDKGTFQFSSKHKEALAHRWGIQKGNRKKMTYEKMARALRNYGKTGEVKKV
KKKLTYQFSGEVLGRGGLAERRHPPH
;
F
#
loop_
_chem_comp.id
_chem_comp.type
_chem_comp.name
_chem_comp.formula
DA DNA linking 2'-DEOXYADENOSINE-5'-MONOPHOSPHATE 'C10 H14 N5 O6 P'
DC DNA linking 2'-DEOXYCYTIDINE-5'-MONOPHOSPHATE 'C9 H14 N3 O7 P'
DG DNA linking 2'-DEOXYGUANOSINE-5'-MONOPHOSPHATE 'C10 H14 N5 O7 P'
DT DNA linking THYMIDINE-5'-MONOPHOSPHATE 'C10 H15 N2 O8 P'
NA non-polymer 'SODIUM ION' 'Na 1'
#
# COMPACT_ATOMS: atom_id res chain seq x y z
N LYS C 5 16.24 1.21 -4.58
CA LYS C 5 15.22 0.43 -3.88
C LYS C 5 13.82 0.94 -4.19
N ILE C 6 12.87 0.01 -4.26
CA ILE C 6 11.50 0.32 -4.65
C ILE C 6 10.85 1.23 -3.61
N ARG C 7 9.94 2.08 -4.08
CA ARG C 7 9.21 2.98 -3.20
C ARG C 7 7.95 2.27 -2.74
N LEU C 8 7.50 2.62 -1.53
CA LEU C 8 6.34 1.94 -0.94
C LEU C 8 5.14 1.98 -1.87
N TYR C 9 4.84 3.13 -2.47
CA TYR C 9 3.64 3.17 -3.31
C TYR C 9 3.77 2.24 -4.51
N GLN C 10 4.99 2.10 -5.05
CA GLN C 10 5.19 1.20 -6.18
C GLN C 10 5.10 -0.26 -5.74
N PHE C 11 5.60 -0.59 -4.55
CA PHE C 11 5.42 -1.93 -4.01
C PHE C 11 3.94 -2.32 -3.96
N LEU C 12 3.11 -1.39 -3.47
CA LEU C 12 1.68 -1.67 -3.35
C LEU C 12 1.03 -1.77 -4.72
N LEU C 13 1.37 -0.85 -5.63
CA LEU C 13 0.77 -0.91 -6.96
C LEU C 13 1.16 -2.20 -7.67
N ASP C 14 2.40 -2.63 -7.50
CA ASP C 14 2.85 -3.87 -8.09
C ASP C 14 2.11 -5.07 -7.53
N LEU C 15 1.89 -5.10 -6.21
CA LEU C 15 1.10 -6.17 -5.61
C LEU C 15 -0.30 -6.20 -6.20
N LEU C 16 -0.94 -5.04 -6.32
CA LEU C 16 -2.30 -5.00 -6.86
C LEU C 16 -2.33 -5.51 -8.28
N ARG C 17 -1.31 -5.19 -9.08
CA ARG C 17 -1.28 -5.67 -10.44
C ARG C 17 -1.03 -7.17 -10.51
N SER C 18 -0.13 -7.69 -9.68
CA SER C 18 0.25 -9.10 -9.76
C SER C 18 -0.79 -10.02 -9.12
N GLY C 19 -1.52 -9.52 -8.13
CA GLY C 19 -2.46 -10.34 -7.39
C GLY C 19 -1.84 -11.33 -6.43
N ASP C 20 -0.56 -11.15 -6.05
CA ASP C 20 0.13 -12.19 -5.28
C ASP C 20 -0.30 -12.24 -3.83
N MET C 21 -0.89 -11.17 -3.30
CA MET C 21 -1.40 -11.14 -1.92
C MET C 21 -2.85 -10.65 -1.93
N LYS C 22 -3.69 -11.34 -2.71
CA LYS C 22 -5.07 -10.93 -2.90
C LYS C 22 -5.87 -10.94 -1.62
N ASP C 23 -5.48 -11.73 -0.63
CA ASP C 23 -6.20 -11.77 0.64
C ASP C 23 -5.76 -10.66 1.60
N SER C 24 -4.72 -9.90 1.24
CA SER C 24 -4.24 -8.80 2.07
C SER C 24 -4.58 -7.42 1.53
N ILE C 25 -4.76 -7.29 0.22
CA ILE C 25 -4.97 -5.98 -0.40
C ILE C 25 -5.78 -6.19 -1.66
N TRP C 26 -6.62 -5.21 -1.99
CA TRP C 26 -7.45 -5.34 -3.19
C TRP C 26 -7.91 -3.97 -3.67
N TRP C 27 -8.23 -3.91 -4.97
CA TRP C 27 -8.82 -2.71 -5.51
C TRP C 27 -10.23 -2.56 -5.00
N VAL C 28 -10.62 -1.33 -4.71
CA VAL C 28 -12.02 -0.99 -4.49
C VAL C 28 -12.59 -0.51 -5.82
N ASP C 29 -11.98 0.52 -6.41
CA ASP C 29 -12.34 0.96 -7.76
C ASP C 29 -11.03 1.24 -8.48
N LYS C 30 -10.55 0.28 -9.28
CA LYS C 30 -9.21 0.44 -9.84
C LYS C 30 -9.14 1.63 -10.81
N ASP C 31 -10.27 1.97 -11.43
CA ASP C 31 -10.30 3.13 -12.33
C ASP C 31 -9.98 4.41 -11.59
N LYS C 32 -10.40 4.51 -10.33
CA LYS C 32 -10.12 5.67 -9.49
C LYS C 32 -8.84 5.51 -8.70
N GLY C 33 -8.23 4.34 -8.73
CA GLY C 33 -7.04 4.10 -7.96
C GLY C 33 -7.28 3.83 -6.50
N THR C 34 -8.51 3.51 -6.10
CA THR C 34 -8.80 3.24 -4.68
C THR C 34 -8.57 1.76 -4.34
N PHE C 35 -7.94 1.52 -3.19
CA PHE C 35 -7.60 0.18 -2.75
C PHE C 35 -7.74 0.09 -1.24
N GLN C 36 -7.86 -1.14 -0.76
CA GLN C 36 -8.18 -1.38 0.64
C GLN C 36 -7.37 -2.55 1.16
N PHE C 37 -6.85 -2.40 2.38
CA PHE C 37 -6.19 -3.50 3.07
C PHE C 37 -7.18 -4.37 3.82
N SER C 38 -6.82 -5.66 3.93
CA SER C 38 -7.51 -6.61 4.79
C SER C 38 -7.27 -6.31 6.28
N SER C 39 -8.34 -6.22 7.06
CA SER C 39 -8.16 -6.05 8.50
C SER C 39 -7.34 -7.19 9.09
N LYS C 40 -7.69 -8.44 8.77
CA LYS C 40 -7.06 -9.58 9.40
C LYS C 40 -5.74 -10.01 8.75
N HIS C 41 -5.46 -9.60 7.51
CA HIS C 41 -4.28 -10.13 6.81
C HIS C 41 -3.33 -9.04 6.31
N LYS C 42 -3.51 -7.79 6.74
CA LYS C 42 -2.59 -6.74 6.34
C LYS C 42 -1.19 -6.92 6.94
N GLU C 43 -1.05 -7.54 8.12
CA GLU C 43 0.31 -7.61 8.68
C GLU C 43 1.22 -8.46 7.82
N ALA C 44 0.69 -9.51 7.18
CA ALA C 44 1.55 -10.33 6.33
C ALA C 44 2.13 -9.49 5.20
N LEU C 45 1.34 -8.55 4.69
CA LEU C 45 1.82 -7.69 3.62
C LEU C 45 2.84 -6.71 4.16
N ALA C 46 2.58 -6.13 5.33
CA ALA C 46 3.57 -5.26 5.95
C ALA C 46 4.89 -5.99 6.19
N HIS C 47 4.82 -7.23 6.66
CA HIS C 47 6.03 -8.00 6.89
C HIS C 47 6.83 -8.13 5.61
N ARG C 48 6.14 -8.40 4.50
CA ARG C 48 6.83 -8.55 3.21
CA ARG C 48 6.84 -8.55 3.22
C ARG C 48 7.51 -7.27 2.79
N TRP C 49 6.88 -6.12 3.04
CA TRP C 49 7.48 -4.84 2.70
C TRP C 49 8.81 -4.65 3.43
N GLY C 50 8.82 -4.91 4.74
CA GLY C 50 10.06 -4.75 5.51
C GLY C 50 11.16 -5.68 5.03
N ILE C 51 10.80 -6.92 4.71
CA ILE C 51 11.82 -7.87 4.26
C ILE C 51 12.34 -7.46 2.89
N GLN C 52 11.46 -7.01 2.00
CA GLN C 52 11.89 -6.52 0.70
C GLN C 52 12.86 -5.35 0.84
N LYS C 53 12.61 -4.47 1.82
CA LYS C 53 13.47 -3.33 2.08
C LYS C 53 14.75 -3.68 2.83
N GLY C 54 14.79 -4.84 3.48
CA GLY C 54 15.99 -5.17 4.26
C GLY C 54 16.08 -4.39 5.54
N ASN C 55 14.95 -3.96 6.09
CA ASN C 55 14.98 -3.15 7.30
C ASN C 55 15.46 -3.95 8.49
N ARG C 56 16.01 -3.23 9.48
CA ARG C 56 16.52 -3.88 10.67
C ARG C 56 15.41 -4.56 11.48
N LYS C 57 14.31 -3.86 11.70
CA LYS C 57 13.21 -4.37 12.51
C LYS C 57 12.12 -4.99 11.64
N LYS C 58 11.32 -5.82 12.28
CA LYS C 58 10.12 -6.34 11.63
C LYS C 58 9.19 -5.17 11.29
N MET C 59 8.67 -5.15 10.07
CA MET C 59 7.74 -4.11 9.67
C MET C 59 6.34 -4.46 10.17
N THR C 60 5.60 -3.45 10.58
CA THR C 60 4.23 -3.60 11.03
C THR C 60 3.33 -2.75 10.15
N TYR C 61 2.04 -3.08 10.11
CA TYR C 61 1.13 -2.24 9.35
C TYR C 61 1.11 -0.82 9.90
N GLU C 62 1.19 -0.67 11.23
CA GLU C 62 1.24 0.66 11.83
C GLU C 62 2.36 1.50 11.23
N LYS C 63 3.56 0.95 11.15
CA LYS C 63 4.69 1.71 10.62
C LYS C 63 4.55 1.93 9.13
N MET C 64 4.04 0.93 8.39
CA MET C 64 3.83 1.10 6.96
C MET C 64 2.84 2.22 6.69
N ALA C 65 1.75 2.28 7.46
CA ALA C 65 0.78 3.34 7.28
C ALA C 65 1.33 4.69 7.73
N ARG C 66 2.25 4.72 8.70
CA ARG C 66 2.93 5.96 9.03
C ARG C 66 3.65 6.52 7.81
N ALA C 67 4.32 5.64 7.07
CA ALA C 67 4.95 6.04 5.82
C ALA C 67 3.91 6.46 4.79
N LEU C 68 2.80 5.72 4.67
CA LEU C 68 1.79 6.09 3.69
C LEU C 68 1.27 7.49 3.92
N ARG C 69 1.04 7.88 5.18
CA ARG C 69 0.52 9.22 5.44
C ARG C 69 1.43 10.31 4.92
N ASN C 70 2.74 10.06 4.86
CA ASN C 70 3.66 11.07 4.35
C ASN C 70 3.45 11.37 2.87
N TYR C 71 2.76 10.49 2.14
CA TYR C 71 2.46 10.77 0.75
C TYR C 71 1.30 11.74 0.59
N GLY C 72 0.57 12.03 1.66
CA GLY C 72 -0.60 12.89 1.52
C GLY C 72 -0.25 14.24 0.94
N LYS C 73 0.89 14.81 1.36
CA LYS C 73 1.23 16.16 0.93
C LYS C 73 1.69 16.19 -0.52
N THR C 74 2.54 15.23 -0.92
CA THR C 74 3.04 15.22 -2.29
C THR C 74 2.03 14.62 -3.26
N GLY C 75 1.18 13.71 -2.80
CA GLY C 75 -0.02 13.33 -3.51
C GLY C 75 -0.04 11.92 -4.09
N GLU C 76 1.04 11.16 -3.95
CA GLU C 76 1.11 9.83 -4.57
C GLU C 76 0.01 8.92 -4.05
N VAL C 77 -0.29 9.00 -2.76
CA VAL C 77 -1.29 8.19 -2.08
C VAL C 77 -2.01 9.09 -1.09
N LYS C 78 -3.32 9.03 -1.09
CA LYS C 78 -4.11 9.77 -0.13
C LYS C 78 -5.04 8.83 0.61
N LYS C 79 -5.29 9.15 1.86
CA LYS C 79 -6.23 8.38 2.66
C LYS C 79 -7.66 8.71 2.25
N VAL C 80 -8.46 7.68 2.07
CA VAL C 80 -9.89 7.79 1.80
C VAL C 80 -10.64 7.60 3.11
N LYS C 81 -11.78 8.30 3.26
CA LYS C 81 -12.57 8.21 4.48
C LYS C 81 -13.44 6.95 4.49
N LYS C 82 -12.75 5.81 4.32
CA LYS C 82 -13.31 4.48 4.38
C LYS C 82 -12.27 3.60 5.05
N LYS C 83 -12.73 2.59 5.80
CA LYS C 83 -11.84 1.74 6.57
C LYS C 83 -10.73 1.16 5.72
N LEU C 84 -9.49 1.42 6.12
CA LEU C 84 -8.30 0.79 5.53
C LEU C 84 -8.16 1.09 4.05
N THR C 85 -8.74 2.20 3.59
CA THR C 85 -8.80 2.52 2.17
C THR C 85 -7.95 3.75 1.85
N TYR C 86 -7.23 3.67 0.73
CA TYR C 86 -6.34 4.71 0.23
C TYR C 86 -6.57 4.85 -1.27
N GLN C 87 -5.93 5.85 -1.87
CA GLN C 87 -6.12 6.16 -3.29
C GLN C 87 -4.81 6.62 -3.90
N PHE C 88 -4.37 5.96 -4.97
CA PHE C 88 -3.24 6.42 -5.76
C PHE C 88 -3.61 7.64 -6.61
N SER C 89 -2.63 8.50 -6.86
CA SER C 89 -2.83 9.62 -7.78
C SER C 89 -2.90 9.14 -9.22
N GLY C 90 -3.50 9.97 -10.07
CA GLY C 90 -3.49 9.69 -11.49
C GLY C 90 -2.08 9.55 -12.03
N GLU C 91 -1.15 10.36 -11.52
CA GLU C 91 0.23 10.28 -12.00
C GLU C 91 0.87 8.95 -11.64
N VAL C 92 0.63 8.46 -10.43
CA VAL C 92 1.16 7.16 -10.03
C VAL C 92 0.55 6.06 -10.89
N LEU C 93 -0.76 6.14 -11.15
CA LEU C 93 -1.41 5.10 -11.95
C LEU C 93 -0.89 5.09 -13.38
N GLY C 94 -0.59 6.26 -13.93
CA GLY C 94 -0.12 6.32 -15.30
C GLY C 94 1.34 5.91 -15.41
N ARG C 95 2.16 6.40 -14.50
CA ARG C 95 3.61 6.17 -14.56
C ARG C 95 3.97 4.72 -14.26
NA NA D . -5.03 -1.21 12.84
NA NA E . -15.57 1.89 13.47
#